data_2DPT
#
_entry.id   2DPT
#
_cell.length_a   115.662
_cell.length_b   129.139
_cell.length_c   38.571
_cell.angle_alpha   90.00
_cell.angle_beta   90.00
_cell.angle_gamma   90.00
#
_symmetry.space_group_name_H-M   'P 21 21 2'
#
loop_
_entity.id
_entity.type
_entity.pdbx_description
1 polymer 'Leucyl/phenylalanyl-tRNA--protein transferase'
2 non-polymer PUROMYCIN
3 non-polymer 'D(-)-TARTARIC ACID'
4 water water
#
_entity_poly.entity_id   1
_entity_poly.type   'polypeptide(L)'
_entity_poly.pdbx_seq_one_letter_code
;MGSSHHHHHHSSGLVPRGSHMRLVQLSRHSIAFPSPEGALREPNGLLALGGDLSPARLLMAYQRGIFPWFSPGDPILWWS
PDPRAVLWPESLHISRSMKRFHKRSPYRVTMNYAFGQVIEGCASDREEGTWITRGVVEAYHRLHELGHAHSIEVWREDEL
VGGMYGVAQGTLFCGESMFSRMENASKTALLVFCEEFIGHGGKLIDCQVLNDHTASLGACEIPRRDYLNYLNQMRLGRLP
NNFWVPRCLFSPQE
;
_entity_poly.pdbx_strand_id   A,B
#
# COMPACT_ATOMS: atom_id res chain seq x y z
N ARG A 22 20.08 27.81 24.44
CA ARG A 22 18.91 27.85 23.52
C ARG A 22 19.12 26.81 22.41
N LEU A 23 18.04 26.44 21.73
CA LEU A 23 18.10 25.43 20.65
C LEU A 23 18.59 24.13 21.28
N VAL A 24 18.55 23.02 20.55
CA VAL A 24 18.98 21.78 21.18
C VAL A 24 19.29 20.60 20.27
N GLN A 25 20.31 19.86 20.67
CA GLN A 25 20.76 18.67 19.97
C GLN A 25 20.01 17.50 20.57
N LEU A 26 19.36 16.70 19.74
CA LEU A 26 18.64 15.53 20.20
C LEU A 26 19.70 14.45 20.36
N SER A 27 19.44 13.47 21.21
CA SER A 27 20.39 12.39 21.43
C SER A 27 19.82 11.07 20.93
N ARG A 28 20.70 10.16 20.53
CA ARG A 28 20.28 8.86 20.06
C ARG A 28 19.66 8.08 21.20
N HIS A 29 19.98 8.48 22.42
CA HIS A 29 19.48 7.83 23.62
C HIS A 29 17.97 7.99 23.73
N SER A 30 17.54 9.21 24.02
CA SER A 30 16.12 9.53 24.19
C SER A 30 15.38 9.75 22.88
N ILE A 31 14.07 9.93 22.99
CA ILE A 31 13.21 10.16 21.83
C ILE A 31 12.40 11.41 22.18
N ALA A 32 12.73 12.03 23.31
CA ALA A 32 12.03 13.21 23.78
C ALA A 32 12.43 14.48 23.03
N PHE A 33 11.48 15.41 22.94
CA PHE A 33 11.70 16.68 22.24
C PHE A 33 11.48 17.85 23.18
N PRO A 34 12.11 19.00 22.87
CA PRO A 34 11.98 20.22 23.67
C PRO A 34 10.64 20.88 23.31
N SER A 35 10.04 21.58 24.27
CA SER A 35 8.76 22.25 24.01
C SER A 35 8.83 23.17 22.79
N PRO A 36 7.91 22.98 21.84
CA PRO A 36 7.82 23.77 20.61
C PRO A 36 7.93 25.27 20.82
N GLU A 37 7.32 25.76 21.90
CA GLU A 37 7.30 27.18 22.18
C GLU A 37 8.66 27.85 22.32
N GLY A 38 9.69 27.05 22.55
CA GLY A 38 11.03 27.61 22.68
C GLY A 38 11.74 27.75 21.34
N ALA A 39 11.06 27.39 20.26
CA ALA A 39 11.63 27.45 18.91
C ALA A 39 12.06 28.87 18.57
N LEU A 40 12.88 29.01 17.54
CA LEU A 40 13.36 30.32 17.12
C LEU A 40 12.29 31.10 16.35
N ARG A 41 12.51 32.40 16.23
CA ARG A 41 11.59 33.27 15.49
C ARG A 41 12.03 33.33 14.03
N GLU A 42 13.34 33.40 13.81
CA GLU A 42 13.89 33.49 12.45
C GLU A 42 15.26 32.80 12.38
N PRO A 43 15.38 31.68 11.64
CA PRO A 43 14.40 30.92 10.86
C PRO A 43 13.18 30.47 11.67
N ASN A 44 12.00 30.86 11.20
CA ASN A 44 10.77 30.54 11.90
C ASN A 44 10.54 29.05 12.15
N GLY A 45 10.49 28.69 13.43
CA GLY A 45 10.25 27.30 13.81
C GLY A 45 11.44 26.43 14.18
N LEU A 46 12.65 26.83 13.80
CA LEU A 46 13.84 26.03 14.10
C LEU A 46 13.89 25.70 15.60
N LEU A 47 13.74 24.43 15.91
CA LEU A 47 13.71 23.99 17.29
C LEU A 47 14.88 23.11 17.74
N ALA A 48 15.27 22.15 16.90
CA ALA A 48 16.37 21.25 17.27
C ALA A 48 16.98 20.57 16.07
N LEU A 49 18.15 19.98 16.27
CA LEU A 49 18.84 19.26 15.20
C LEU A 49 19.37 17.94 15.70
N GLY A 50 19.68 17.04 14.77
CA GLY A 50 20.21 15.76 15.17
C GLY A 50 19.17 14.68 15.38
N GLY A 51 19.55 13.66 16.13
CA GLY A 51 18.65 12.55 16.38
C GLY A 51 18.71 11.59 15.20
N ASP A 52 17.58 11.04 14.83
CA ASP A 52 17.50 10.11 13.71
C ASP A 52 16.12 10.27 13.10
N LEU A 53 15.77 9.39 12.15
CA LEU A 53 14.45 9.45 11.53
C LEU A 53 13.70 8.16 11.79
N SER A 54 13.97 7.54 12.93
CA SER A 54 13.31 6.29 13.30
C SER A 54 11.83 6.51 13.55
N PRO A 55 10.99 5.51 13.23
CA PRO A 55 9.54 5.55 13.40
C PRO A 55 9.12 6.15 14.72
N ALA A 56 9.77 5.70 15.78
CA ALA A 56 9.50 6.15 17.12
C ALA A 56 9.70 7.65 17.30
N ARG A 57 10.86 8.15 16.89
CA ARG A 57 11.14 9.57 17.03
C ARG A 57 10.25 10.41 16.12
N LEU A 58 10.09 9.97 14.88
CA LEU A 58 9.25 10.69 13.92
C LEU A 58 7.84 10.81 14.46
N LEU A 59 7.29 9.66 14.85
CA LEU A 59 5.95 9.60 15.37
C LEU A 59 5.84 10.51 16.59
N MET A 60 6.87 10.50 17.41
CA MET A 60 6.90 11.34 18.61
C MET A 60 6.82 12.80 18.21
N ALA A 61 7.58 13.18 17.18
CA ALA A 61 7.60 14.56 16.71
C ALA A 61 6.22 15.04 16.23
N TYR A 62 5.55 14.25 15.42
CA TYR A 62 4.24 14.66 14.95
C TYR A 62 3.29 14.81 16.12
N GLN A 63 3.41 13.91 17.11
CA GLN A 63 2.58 13.97 18.31
C GLN A 63 2.72 15.34 18.99
N ARG A 64 3.97 15.79 19.06
CA ARG A 64 4.30 17.06 19.69
C ARG A 64 4.19 18.29 18.78
N GLY A 65 3.69 18.10 17.56
CA GLY A 65 3.56 19.22 16.63
C GLY A 65 4.86 19.73 16.02
N ILE A 66 5.83 18.82 15.85
CA ILE A 66 7.14 19.14 15.27
C ILE A 66 7.36 18.28 14.03
N PHE A 67 8.12 18.78 13.07
CA PHE A 67 8.41 18.00 11.88
C PHE A 67 9.85 18.24 11.43
N PRO A 68 10.47 17.22 10.81
CA PRO A 68 11.85 17.38 10.33
C PRO A 68 11.83 17.95 8.92
N TRP A 69 12.84 18.76 8.61
CA TRP A 69 12.97 19.36 7.29
C TRP A 69 14.38 19.92 7.18
N PHE A 70 15.12 19.51 6.15
CA PHE A 70 16.50 19.97 5.98
C PHE A 70 17.05 19.57 4.62
N SER A 71 17.96 20.37 4.09
CA SER A 71 18.54 20.08 2.79
C SER A 71 19.63 19.03 2.91
N PRO A 72 19.92 18.33 1.79
CA PRO A 72 20.95 17.28 1.74
C PRO A 72 22.29 17.80 2.22
N GLY A 73 22.95 17.04 3.07
CA GLY A 73 24.25 17.46 3.58
C GLY A 73 24.15 18.15 4.93
N ASP A 74 22.95 18.53 5.32
CA ASP A 74 22.74 19.18 6.59
C ASP A 74 22.35 18.14 7.62
N PRO A 75 22.57 18.44 8.90
CA PRO A 75 22.17 17.47 9.91
C PRO A 75 20.65 17.59 9.98
N ILE A 76 19.97 16.56 10.50
CA ILE A 76 18.52 16.62 10.60
C ILE A 76 18.09 17.88 11.37
N LEU A 77 17.11 18.59 10.83
CA LEU A 77 16.61 19.79 11.49
C LEU A 77 15.13 19.59 11.82
N TRP A 78 14.73 20.02 13.01
CA TRP A 78 13.35 19.87 13.43
C TRP A 78 12.69 21.22 13.60
N TRP A 79 11.44 21.31 13.12
CA TRP A 79 10.73 22.58 13.17
C TRP A 79 9.33 22.56 13.72
N SER A 80 8.89 23.73 14.15
CA SER A 80 7.55 23.97 14.65
C SER A 80 7.32 25.47 14.56
N PRO A 81 7.08 25.96 13.33
CA PRO A 81 6.85 27.38 13.07
C PRO A 81 5.62 27.97 13.73
N ASP A 82 5.63 29.31 13.84
CA ASP A 82 4.54 30.09 14.42
C ASP A 82 4.43 31.38 13.59
N PRO A 83 3.29 31.57 12.90
CA PRO A 83 2.12 30.69 12.85
C PRO A 83 2.40 29.37 12.14
N ARG A 84 1.33 28.62 11.92
CA ARG A 84 1.40 27.32 11.26
C ARG A 84 0.43 27.34 10.08
N ALA A 85 0.81 26.71 8.97
CA ALA A 85 -0.07 26.66 7.81
C ALA A 85 -1.08 25.56 8.08
N VAL A 86 -2.32 25.80 7.73
CA VAL A 86 -3.38 24.85 7.97
C VAL A 86 -4.44 25.01 6.90
N LEU A 87 -5.21 23.94 6.69
CA LEU A 87 -6.28 23.96 5.72
C LEU A 87 -7.50 23.27 6.29
N TRP A 88 -8.58 24.02 6.43
CA TRP A 88 -9.81 23.45 6.92
C TRP A 88 -10.39 22.77 5.68
N PRO A 89 -10.58 21.44 5.74
CA PRO A 89 -11.13 20.68 4.63
C PRO A 89 -12.30 21.30 3.88
N GLU A 90 -13.26 21.87 4.62
CA GLU A 90 -14.44 22.48 4.02
C GLU A 90 -14.11 23.80 3.32
N SER A 91 -13.00 24.43 3.69
CA SER A 91 -12.62 25.70 3.10
C SER A 91 -11.71 25.58 1.89
N LEU A 92 -11.63 24.38 1.33
CA LEU A 92 -10.78 24.15 0.16
C LEU A 92 -11.33 24.98 -1.01
N HIS A 93 -10.51 25.86 -1.56
CA HIS A 93 -11.01 26.67 -2.67
C HIS A 93 -10.90 26.00 -4.03
N ILE A 94 -12.02 25.95 -4.73
CA ILE A 94 -12.10 25.34 -6.04
C ILE A 94 -12.67 26.32 -7.08
N SER A 95 -11.85 26.73 -8.03
CA SER A 95 -12.27 27.66 -9.07
C SER A 95 -13.44 27.05 -9.83
N ARG A 96 -14.22 27.87 -10.52
CA ARG A 96 -15.36 27.33 -11.25
C ARG A 96 -14.91 26.52 -12.47
N SER A 97 -13.72 26.82 -12.99
CA SER A 97 -13.19 26.09 -14.14
C SER A 97 -12.63 24.75 -13.70
N MET A 98 -12.30 24.65 -12.41
CA MET A 98 -11.78 23.40 -11.84
C MET A 98 -12.95 22.45 -11.64
N LYS A 99 -14.11 23.00 -11.27
CA LYS A 99 -15.30 22.20 -11.06
C LYS A 99 -15.72 21.65 -12.40
N ARG A 100 -15.66 22.50 -13.43
CA ARG A 100 -16.02 22.09 -14.78
C ARG A 100 -15.11 20.93 -15.16
N PHE A 101 -13.83 21.13 -14.90
CA PHE A 101 -12.81 20.14 -15.20
C PHE A 101 -13.10 18.82 -14.49
N HIS A 102 -13.34 18.90 -13.18
CA HIS A 102 -13.58 17.71 -12.38
C HIS A 102 -14.83 16.94 -12.78
N LYS A 103 -15.87 17.68 -13.14
CA LYS A 103 -17.15 17.09 -13.56
C LYS A 103 -16.92 16.11 -14.69
N ARG A 104 -15.94 16.42 -15.52
CA ARG A 104 -15.56 15.59 -16.67
C ARG A 104 -14.10 15.22 -16.52
N SER A 105 -13.69 14.93 -15.28
CA SER A 105 -12.31 14.58 -14.97
C SER A 105 -11.75 13.41 -15.78
N PRO A 106 -10.48 13.51 -16.18
CA PRO A 106 -9.74 12.51 -16.96
C PRO A 106 -8.80 11.73 -16.02
N TYR A 107 -9.02 11.86 -14.72
CA TYR A 107 -8.17 11.24 -13.72
C TYR A 107 -8.86 10.24 -12.79
N ARG A 108 -8.03 9.34 -12.27
CA ARG A 108 -8.47 8.33 -11.34
C ARG A 108 -7.68 8.60 -10.03
N VAL A 109 -8.38 8.74 -8.91
CA VAL A 109 -7.70 8.98 -7.64
C VAL A 109 -7.79 7.74 -6.76
N THR A 110 -6.66 7.31 -6.21
CA THR A 110 -6.66 6.14 -5.34
C THR A 110 -5.93 6.48 -4.05
N MET A 111 -6.11 5.63 -3.05
CA MET A 111 -5.46 5.85 -1.78
C MET A 111 -4.55 4.68 -1.46
N ASN A 112 -3.35 5.00 -1.01
CA ASN A 112 -2.35 4.00 -0.65
C ASN A 112 -2.06 2.91 -1.67
N TYR A 113 -2.22 3.22 -2.95
CA TYR A 113 -1.94 2.25 -4.00
C TYR A 113 -0.44 2.24 -4.29
N ALA A 114 0.21 3.39 -4.25
CA ALA A 114 1.63 3.45 -4.56
C ALA A 114 2.43 4.51 -3.79
N PHE A 115 2.40 4.40 -2.47
CA PHE A 115 3.11 5.34 -1.60
C PHE A 115 4.57 5.57 -2.03
N GLY A 116 5.25 4.48 -2.34
CA GLY A 116 6.64 4.56 -2.75
C GLY A 116 6.81 5.38 -4.01
N GLN A 117 5.84 5.31 -4.92
CA GLN A 117 5.94 6.08 -6.14
C GLN A 117 5.57 7.55 -5.94
N VAL A 118 4.65 7.83 -5.02
CA VAL A 118 4.28 9.21 -4.77
C VAL A 118 5.42 9.95 -4.13
N ILE A 119 5.95 9.42 -3.02
CA ILE A 119 7.04 10.09 -2.34
C ILE A 119 8.21 10.28 -3.29
N GLU A 120 8.46 9.31 -4.16
CA GLU A 120 9.54 9.45 -5.12
C GLU A 120 9.21 10.61 -6.08
N GLY A 121 7.93 10.72 -6.45
CA GLY A 121 7.50 11.78 -7.34
C GLY A 121 7.78 13.13 -6.72
N CYS A 122 7.41 13.29 -5.45
CA CYS A 122 7.63 14.54 -4.76
C CYS A 122 9.13 14.82 -4.66
N ALA A 123 9.89 13.76 -4.39
CA ALA A 123 11.33 13.86 -4.25
C ALA A 123 12.04 14.28 -5.53
N SER A 124 11.30 14.35 -6.63
CA SER A 124 11.91 14.73 -7.90
C SER A 124 11.48 16.11 -8.36
N ASP A 125 10.48 16.67 -7.68
CA ASP A 125 9.92 17.98 -8.02
C ASP A 125 10.99 19.07 -8.18
N ARG A 126 12.20 18.77 -7.74
CA ARG A 126 13.34 19.67 -7.83
C ARG A 126 13.20 21.15 -7.49
N GLU A 127 11.99 21.64 -7.26
CA GLU A 127 11.90 23.06 -6.86
C GLU A 127 12.44 22.98 -5.45
N GLU A 128 12.00 21.93 -4.74
CA GLU A 128 12.46 21.64 -3.39
C GLU A 128 11.95 20.33 -2.82
N GLY A 129 11.94 19.30 -3.68
CA GLY A 129 11.57 17.98 -3.24
C GLY A 129 12.94 17.40 -3.02
N THR A 130 13.93 18.26 -3.27
CA THR A 130 15.34 17.94 -3.14
C THR A 130 15.75 17.68 -1.70
N TRP A 131 14.90 18.04 -0.75
CA TRP A 131 15.22 17.81 0.65
C TRP A 131 14.87 16.36 0.99
N ILE A 132 14.02 15.76 0.15
CA ILE A 132 13.59 14.38 0.33
C ILE A 132 14.72 13.44 -0.10
N THR A 133 15.70 13.26 0.77
CA THR A 133 16.83 12.38 0.48
C THR A 133 16.51 10.91 0.75
N ARG A 134 17.32 10.02 0.17
CA ARG A 134 17.14 8.59 0.31
C ARG A 134 16.78 8.25 1.76
N GLY A 135 17.47 8.89 2.69
CA GLY A 135 17.20 8.64 4.09
C GLY A 135 15.81 9.03 4.54
N VAL A 136 15.33 10.19 4.06
CA VAL A 136 14.00 10.67 4.40
C VAL A 136 12.97 9.75 3.75
N VAL A 137 13.25 9.33 2.51
CA VAL A 137 12.36 8.44 1.77
C VAL A 137 12.18 7.11 2.51
N GLU A 138 13.27 6.53 3.00
CA GLU A 138 13.17 5.27 3.73
C GLU A 138 12.43 5.49 5.05
N ALA A 139 12.62 6.66 5.63
CA ALA A 139 12.00 7.02 6.89
C ALA A 139 10.47 7.00 6.81
N TYR A 140 9.90 7.68 5.82
CA TYR A 140 8.45 7.69 5.71
C TYR A 140 7.90 6.41 5.10
N HIS A 141 8.80 5.57 4.59
CA HIS A 141 8.37 4.30 4.03
C HIS A 141 8.02 3.41 5.21
N ARG A 142 8.84 3.50 6.25
CA ARG A 142 8.60 2.72 7.46
C ARG A 142 7.27 3.13 8.09
N LEU A 143 7.01 4.44 8.13
CA LEU A 143 5.77 4.93 8.70
C LEU A 143 4.58 4.47 7.87
N HIS A 144 4.80 4.29 6.57
CA HIS A 144 3.73 3.84 5.71
C HIS A 144 3.47 2.35 5.95
N GLU A 145 4.54 1.58 6.12
CA GLU A 145 4.40 0.15 6.37
C GLU A 145 3.72 -0.03 7.71
N LEU A 146 4.18 0.73 8.69
CA LEU A 146 3.60 0.67 10.03
C LEU A 146 2.18 1.19 10.04
N GLY A 147 1.74 1.83 8.96
CA GLY A 147 0.38 2.34 8.86
C GLY A 147 0.07 3.75 9.35
N HIS A 148 1.09 4.59 9.45
CA HIS A 148 0.90 5.97 9.90
C HIS A 148 0.92 6.97 8.76
N ALA A 149 1.76 6.71 7.77
CA ALA A 149 1.88 7.59 6.63
C ALA A 149 0.98 7.03 5.53
N HIS A 150 0.37 7.91 4.76
CA HIS A 150 -0.53 7.49 3.69
C HIS A 150 -0.30 8.29 2.43
N SER A 151 -0.84 7.83 1.33
CA SER A 151 -0.67 8.57 0.11
C SER A 151 -1.92 8.53 -0.75
N ILE A 152 -2.12 9.61 -1.51
CA ILE A 152 -3.25 9.72 -2.42
C ILE A 152 -2.63 9.81 -3.81
N GLU A 153 -3.01 8.89 -4.70
CA GLU A 153 -2.48 8.85 -6.06
C GLU A 153 -3.47 9.35 -7.09
N VAL A 154 -2.95 10.07 -8.08
CA VAL A 154 -3.77 10.57 -9.17
C VAL A 154 -3.29 9.90 -10.45
N TRP A 155 -4.18 9.19 -11.13
CA TRP A 155 -3.80 8.51 -12.36
C TRP A 155 -4.47 9.07 -13.59
N ARG A 156 -3.71 9.10 -14.69
CA ARG A 156 -4.23 9.52 -15.97
C ARG A 156 -4.03 8.20 -16.74
N GLU A 157 -5.12 7.51 -16.98
CA GLU A 157 -5.10 6.18 -17.61
C GLU A 157 -4.15 5.30 -16.78
N ASP A 158 -3.08 4.79 -17.39
CA ASP A 158 -2.16 3.93 -16.66
C ASP A 158 -0.91 4.61 -16.08
N GLU A 159 -0.83 5.93 -16.20
CA GLU A 159 0.32 6.67 -15.69
C GLU A 159 0.01 7.45 -14.42
N LEU A 160 0.95 7.45 -13.49
CA LEU A 160 0.82 8.21 -12.25
C LEU A 160 1.22 9.65 -12.60
N VAL A 161 0.27 10.57 -12.54
CA VAL A 161 0.58 11.93 -12.93
C VAL A 161 0.56 12.92 -11.78
N GLY A 162 0.51 12.41 -10.56
CA GLY A 162 0.53 13.28 -9.39
C GLY A 162 0.16 12.56 -8.12
N GLY A 163 0.08 13.29 -7.02
CA GLY A 163 -0.28 12.69 -5.76
C GLY A 163 0.20 13.47 -4.56
N MET A 164 -0.08 12.93 -3.38
CA MET A 164 0.31 13.56 -2.13
C MET A 164 0.40 12.50 -1.05
N TYR A 165 1.26 12.73 -0.07
CA TYR A 165 1.40 11.80 1.05
C TYR A 165 1.52 12.59 2.35
N GLY A 166 1.32 11.91 3.47
CA GLY A 166 1.42 12.59 4.74
C GLY A 166 1.24 11.64 5.90
N VAL A 167 1.37 12.17 7.11
CA VAL A 167 1.23 11.36 8.29
C VAL A 167 -0.12 11.59 8.94
N ALA A 168 -0.94 10.54 8.98
CA ALA A 168 -2.26 10.64 9.58
C ALA A 168 -2.10 10.72 11.08
N GLN A 169 -2.96 11.50 11.71
CA GLN A 169 -2.90 11.66 13.15
C GLN A 169 -4.28 11.88 13.74
N GLY A 170 -5.06 10.82 13.83
CA GLY A 170 -6.40 10.96 14.36
C GLY A 170 -7.26 11.59 13.30
N THR A 171 -7.95 12.67 13.65
CA THR A 171 -8.82 13.38 12.71
C THR A 171 -8.06 14.52 12.05
N LEU A 172 -6.75 14.55 12.31
CA LEU A 172 -5.89 15.55 11.70
C LEU A 172 -5.00 14.82 10.69
N PHE A 173 -4.63 15.50 9.62
CA PHE A 173 -3.73 14.90 8.65
C PHE A 173 -2.64 15.92 8.39
N CYS A 174 -1.41 15.46 8.48
CA CYS A 174 -0.28 16.34 8.26
C CYS A 174 0.23 16.13 6.86
N GLY A 175 0.04 17.15 6.02
CA GLY A 175 0.50 17.10 4.65
C GLY A 175 2.01 17.19 4.67
N GLU A 176 2.65 16.34 3.89
CA GLU A 176 4.11 16.34 3.83
C GLU A 176 4.56 16.96 2.55
N SER A 177 3.98 16.50 1.46
CA SER A 177 4.33 16.99 0.16
C SER A 177 3.39 16.49 -0.94
N MET A 178 3.45 17.12 -2.10
CA MET A 178 2.63 16.73 -3.22
C MET A 178 3.39 17.09 -4.49
N PHE A 179 2.94 16.56 -5.62
CA PHE A 179 3.59 16.81 -6.91
C PHE A 179 2.59 16.67 -8.03
N SER A 180 2.91 17.22 -9.18
CA SER A 180 2.01 17.18 -10.32
C SER A 180 2.79 17.06 -11.63
N ARG A 181 2.39 16.13 -12.47
CA ARG A 181 3.06 15.96 -13.75
C ARG A 181 2.07 16.26 -14.87
N MET A 182 0.84 16.59 -14.50
CA MET A 182 -0.20 16.91 -15.47
C MET A 182 -1.17 17.93 -14.89
N GLU A 183 -1.64 18.84 -15.73
CA GLU A 183 -2.53 19.94 -15.33
C GLU A 183 -3.69 19.57 -14.41
N ASN A 184 -3.76 20.27 -13.29
CA ASN A 184 -4.82 20.06 -12.29
C ASN A 184 -4.73 18.74 -11.52
N ALA A 185 -3.72 17.93 -11.80
CA ALA A 185 -3.57 16.65 -11.12
C ALA A 185 -3.58 16.76 -9.59
N SER A 186 -2.59 17.44 -9.02
CA SER A 186 -2.56 17.57 -7.57
C SER A 186 -3.80 18.28 -7.01
N LYS A 187 -4.40 19.16 -7.79
CA LYS A 187 -5.60 19.81 -7.29
C LYS A 187 -6.69 18.77 -7.08
N THR A 188 -6.89 17.89 -8.06
CA THR A 188 -7.94 16.89 -7.89
C THR A 188 -7.57 15.93 -6.76
N ALA A 189 -6.28 15.68 -6.59
CA ALA A 189 -5.82 14.79 -5.53
C ALA A 189 -6.32 15.29 -4.17
N LEU A 190 -6.22 16.60 -3.99
CA LEU A 190 -6.65 17.22 -2.76
C LEU A 190 -8.18 17.37 -2.72
N LEU A 191 -8.77 17.66 -3.87
CA LEU A 191 -10.21 17.83 -3.96
C LEU A 191 -10.89 16.54 -3.50
N VAL A 192 -10.53 15.45 -4.17
CA VAL A 192 -11.08 14.15 -3.85
C VAL A 192 -10.76 13.75 -2.41
N PHE A 193 -9.55 14.06 -1.96
CA PHE A 193 -9.18 13.72 -0.58
C PHE A 193 -10.06 14.43 0.43
N CYS A 194 -10.22 15.74 0.28
CA CYS A 194 -11.04 16.48 1.22
C CYS A 194 -12.46 15.93 1.31
N GLU A 195 -13.07 15.62 0.17
CA GLU A 195 -14.41 15.05 0.20
C GLU A 195 -14.42 13.82 1.10
N GLU A 196 -13.65 12.81 0.69
CA GLU A 196 -13.54 11.57 1.45
C GLU A 196 -13.24 11.88 2.93
N PHE A 197 -12.23 12.72 3.15
CA PHE A 197 -11.80 13.08 4.50
C PHE A 197 -12.93 13.66 5.35
N ILE A 198 -13.58 14.71 4.87
CA ILE A 198 -14.67 15.32 5.62
C ILE A 198 -15.76 14.30 5.88
N GLY A 199 -16.26 13.71 4.80
CA GLY A 199 -17.30 12.72 4.89
C GLY A 199 -17.12 11.69 5.98
N HIS A 200 -15.88 11.44 6.38
CA HIS A 200 -15.61 10.44 7.41
C HIS A 200 -15.12 10.94 8.75
N GLY A 201 -15.27 12.23 9.01
CA GLY A 201 -14.84 12.77 10.29
C GLY A 201 -13.54 13.55 10.30
N GLY A 202 -12.88 13.62 9.16
CA GLY A 202 -11.64 14.37 9.08
C GLY A 202 -11.93 15.76 9.60
N LYS A 203 -10.99 16.37 10.31
CA LYS A 203 -11.23 17.68 10.87
C LYS A 203 -10.25 18.77 10.44
N LEU A 204 -8.99 18.42 10.25
CA LEU A 204 -8.00 19.43 9.87
C LEU A 204 -6.83 18.87 9.07
N ILE A 205 -6.24 19.73 8.25
CA ILE A 205 -5.09 19.36 7.45
C ILE A 205 -3.94 20.30 7.76
N ASP A 206 -2.85 19.74 8.29
CA ASP A 206 -1.67 20.51 8.63
C ASP A 206 -0.90 20.75 7.33
N CYS A 207 -0.65 22.01 7.00
CA CYS A 207 0.11 22.36 5.80
C CYS A 207 1.51 22.87 6.11
N GLN A 208 1.97 22.64 7.33
CA GLN A 208 3.31 23.07 7.77
C GLN A 208 3.61 24.53 7.46
N VAL A 209 4.34 24.79 6.38
CA VAL A 209 4.66 26.17 6.02
C VAL A 209 3.87 26.63 4.79
N LEU A 210 3.27 27.80 4.88
CA LEU A 210 2.43 28.36 3.82
C LEU A 210 3.23 28.88 2.62
N ASN A 211 2.71 28.64 1.42
CA ASN A 211 3.35 29.08 0.17
C ASN A 211 2.25 29.46 -0.82
N ASP A 212 2.63 30.03 -1.95
CA ASP A 212 1.65 30.44 -2.94
C ASP A 212 0.63 29.41 -3.40
N HIS A 213 1.07 28.22 -3.80
CA HIS A 213 0.14 27.20 -4.27
C HIS A 213 -0.88 26.83 -3.21
N THR A 214 -0.37 26.43 -2.04
CA THR A 214 -1.20 26.02 -0.92
C THR A 214 -2.15 27.14 -0.44
N ALA A 215 -1.69 28.38 -0.51
CA ALA A 215 -2.50 29.52 -0.07
C ALA A 215 -3.65 29.80 -1.03
N SER A 216 -3.43 29.55 -2.32
CA SER A 216 -4.48 29.78 -3.31
C SER A 216 -5.52 28.69 -3.18
N LEU A 217 -5.14 27.61 -2.49
CA LEU A 217 -6.04 26.49 -2.29
C LEU A 217 -6.94 26.69 -1.07
N GLY A 218 -6.71 27.79 -0.36
CA GLY A 218 -7.49 28.07 0.82
C GLY A 218 -6.76 27.85 2.13
N ALA A 219 -5.48 27.51 2.08
CA ALA A 219 -4.72 27.29 3.30
C ALA A 219 -4.53 28.65 4.00
N CYS A 220 -4.42 28.62 5.33
CA CYS A 220 -4.25 29.83 6.11
C CYS A 220 -3.29 29.59 7.27
N GLU A 221 -2.98 30.64 8.00
CA GLU A 221 -2.10 30.52 9.15
C GLU A 221 -2.79 30.79 10.49
N ILE A 222 -2.58 29.91 11.44
CA ILE A 222 -3.13 30.07 12.77
C ILE A 222 -1.93 30.06 13.73
N PRO A 223 -2.11 30.55 14.96
CA PRO A 223 -1.01 30.57 15.95
C PRO A 223 -0.53 29.18 16.32
N ARG A 224 0.78 29.03 16.47
CA ARG A 224 1.36 27.75 16.84
C ARG A 224 0.60 27.13 18.01
N ARG A 225 0.28 27.94 19.02
CA ARG A 225 -0.44 27.42 20.19
C ARG A 225 -1.85 26.95 19.85
N ASP A 226 -2.46 27.57 18.84
CA ASP A 226 -3.80 27.14 18.43
C ASP A 226 -3.67 25.80 17.74
N TYR A 227 -2.74 25.71 16.79
CA TYR A 227 -2.52 24.48 16.06
C TYR A 227 -2.18 23.35 17.04
N LEU A 228 -1.33 23.64 18.02
CA LEU A 228 -0.95 22.64 19.01
C LEU A 228 -2.19 22.13 19.74
N ASN A 229 -3.09 23.04 20.16
CA ASN A 229 -4.31 22.63 20.84
C ASN A 229 -5.08 21.68 19.93
N TYR A 230 -5.29 22.10 18.69
CA TYR A 230 -6.01 21.28 17.72
C TYR A 230 -5.36 19.92 17.63
N LEU A 231 -4.03 19.91 17.58
CA LEU A 231 -3.28 18.68 17.47
C LEU A 231 -3.67 17.74 18.59
N ASN A 232 -3.65 18.23 19.82
CA ASN A 232 -3.99 17.40 20.97
C ASN A 232 -5.43 16.90 20.98
N GLN A 233 -6.37 17.71 20.54
CA GLN A 233 -7.76 17.29 20.52
C GLN A 233 -8.02 16.27 19.41
N MET A 234 -7.39 16.49 18.28
CA MET A 234 -7.59 15.63 17.14
C MET A 234 -6.80 14.32 17.09
N ARG A 235 -5.59 14.29 17.65
CA ARG A 235 -4.82 13.05 17.63
C ARG A 235 -5.56 11.95 18.37
N LEU A 236 -6.47 12.36 19.25
CA LEU A 236 -7.28 11.43 20.03
C LEU A 236 -8.52 10.98 19.26
N GLY A 237 -8.87 11.76 18.24
CA GLY A 237 -10.03 11.45 17.42
C GLY A 237 -9.95 10.09 16.75
N ARG A 238 -10.76 9.88 15.72
CA ARG A 238 -10.75 8.60 15.05
C ARG A 238 -11.57 8.64 13.77
N LEU A 239 -11.12 7.86 12.79
CA LEU A 239 -11.79 7.74 11.51
C LEU A 239 -12.19 6.28 11.42
N PRO A 240 -13.04 5.94 10.44
CA PRO A 240 -13.44 4.53 10.32
C PRO A 240 -12.19 3.66 10.42
N ASN A 241 -12.34 2.51 11.05
CA ASN A 241 -11.22 1.61 11.23
C ASN A 241 -10.57 1.17 9.92
N ASN A 242 -11.24 1.41 8.80
CA ASN A 242 -10.73 1.00 7.50
C ASN A 242 -10.57 2.13 6.51
N PHE A 243 -10.58 3.37 7.01
CA PHE A 243 -10.47 4.55 6.16
C PHE A 243 -9.24 4.55 5.26
N TRP A 244 -8.13 4.05 5.77
CA TRP A 244 -6.89 4.05 5.00
C TRP A 244 -6.54 2.81 4.18
N VAL A 245 -7.38 1.80 4.17
CA VAL A 245 -7.06 0.61 3.39
C VAL A 245 -6.96 1.04 1.94
N PRO A 246 -6.00 0.48 1.18
CA PRO A 246 -5.86 0.87 -0.22
C PRO A 246 -7.12 0.63 -1.05
N ARG A 247 -7.62 1.70 -1.66
CA ARG A 247 -8.81 1.64 -2.49
C ARG A 247 -8.87 2.82 -3.46
N CYS A 248 -9.83 2.76 -4.38
CA CYS A 248 -10.03 3.82 -5.35
C CYS A 248 -11.05 4.79 -4.73
N LEU A 249 -10.75 6.09 -4.81
CA LEU A 249 -11.66 7.10 -4.25
C LEU A 249 -12.52 7.76 -5.33
N PHE A 250 -11.98 7.82 -6.53
CA PHE A 250 -12.68 8.46 -7.61
C PHE A 250 -12.28 7.90 -8.97
N SER A 251 -13.29 7.59 -9.77
CA SER A 251 -13.07 7.05 -11.12
C SER A 251 -13.52 8.01 -12.21
N PRO A 252 -12.70 8.16 -13.25
CA PRO A 252 -13.01 9.03 -14.38
C PRO A 252 -14.18 8.46 -15.20
N GLN A 253 -14.53 9.14 -16.28
CA GLN A 253 -15.61 8.68 -17.14
C GLN A 253 -15.03 8.34 -18.52
N MET B 21 -19.67 -11.68 -29.54
CA MET B 21 -18.32 -11.50 -28.92
C MET B 21 -18.40 -10.80 -27.57
N ARG B 22 -17.43 -11.10 -26.70
CA ARG B 22 -17.36 -10.51 -25.38
C ARG B 22 -15.93 -10.15 -25.04
N LEU B 23 -14.99 -10.99 -25.49
CA LEU B 23 -13.56 -10.78 -25.24
C LEU B 23 -13.12 -9.38 -25.59
N VAL B 24 -12.73 -8.62 -24.56
CA VAL B 24 -12.28 -7.24 -24.71
C VAL B 24 -10.75 -7.16 -24.82
N GLN B 25 -10.25 -6.17 -25.55
CA GLN B 25 -8.80 -6.00 -25.66
C GLN B 25 -8.34 -4.67 -25.09
N LEU B 26 -7.55 -4.77 -24.04
CA LEU B 26 -7.02 -3.61 -23.35
C LEU B 26 -6.05 -2.82 -24.22
N SER B 27 -5.79 -1.58 -23.80
CA SER B 27 -4.87 -0.67 -24.47
C SER B 27 -4.20 0.13 -23.37
N ARG B 28 -3.25 0.98 -23.72
CA ARG B 28 -2.58 1.81 -22.71
C ARG B 28 -3.47 2.95 -22.24
N HIS B 29 -4.50 3.22 -23.02
CA HIS B 29 -5.42 4.30 -22.72
C HIS B 29 -6.32 4.05 -21.52
N SER B 30 -6.53 2.80 -21.15
CA SER B 30 -7.39 2.53 -20.00
C SER B 30 -6.90 1.42 -19.09
N ILE B 31 -7.22 1.57 -17.81
CA ILE B 31 -6.86 0.62 -16.77
C ILE B 31 -8.15 -0.08 -16.32
N ALA B 32 -9.20 0.15 -17.09
CA ALA B 32 -10.51 -0.42 -16.78
C ALA B 32 -10.74 -1.75 -17.48
N PHE B 33 -11.21 -2.73 -16.72
CA PHE B 33 -11.51 -4.07 -17.25
C PHE B 33 -13.01 -4.24 -17.40
N PRO B 34 -13.44 -5.11 -18.31
CA PRO B 34 -14.87 -5.37 -18.53
C PRO B 34 -15.37 -6.28 -17.39
N SER B 35 -16.68 -6.42 -17.26
CA SER B 35 -17.23 -7.25 -16.18
C SER B 35 -16.85 -8.72 -16.28
N PRO B 36 -16.48 -9.33 -15.13
CA PRO B 36 -16.08 -10.74 -15.06
C PRO B 36 -17.18 -11.65 -15.63
N GLU B 37 -18.42 -11.27 -15.43
CA GLU B 37 -19.56 -12.05 -15.90
C GLU B 37 -19.53 -12.30 -17.41
N GLY B 38 -18.77 -11.48 -18.13
CA GLY B 38 -18.69 -11.65 -19.57
C GLY B 38 -17.55 -12.55 -20.02
N ALA B 39 -16.84 -13.16 -19.05
CA ALA B 39 -15.73 -14.06 -19.37
C ALA B 39 -16.27 -15.24 -20.17
N LEU B 40 -15.40 -15.93 -20.90
CA LEU B 40 -15.82 -17.08 -21.69
C LEU B 40 -15.95 -18.34 -20.84
N ARG B 41 -16.74 -19.31 -21.31
CA ARG B 41 -16.92 -20.55 -20.58
C ARG B 41 -15.71 -21.43 -20.85
N GLU B 42 -15.32 -21.52 -22.11
CA GLU B 42 -14.17 -22.33 -22.52
C GLU B 42 -13.29 -21.58 -23.51
N PRO B 43 -12.01 -21.33 -23.15
CA PRO B 43 -11.40 -21.73 -21.87
C PRO B 43 -12.06 -20.99 -20.71
N ASN B 44 -12.15 -21.66 -19.57
CA ASN B 44 -12.81 -21.07 -18.40
C ASN B 44 -12.27 -19.76 -17.88
N GLY B 45 -13.06 -18.70 -18.04
CA GLY B 45 -12.68 -17.40 -17.51
C GLY B 45 -11.92 -16.42 -18.39
N LEU B 46 -11.50 -16.83 -19.59
CA LEU B 46 -10.77 -15.92 -20.45
C LEU B 46 -11.62 -14.67 -20.58
N LEU B 47 -11.10 -13.54 -20.12
CA LEU B 47 -11.87 -12.30 -20.14
C LEU B 47 -11.33 -11.16 -21.00
N ALA B 48 -10.03 -11.06 -21.13
CA ALA B 48 -9.46 -9.99 -21.93
C ALA B 48 -7.99 -10.28 -22.19
N LEU B 49 -7.41 -9.54 -23.12
CA LEU B 49 -6.00 -9.70 -23.43
C LEU B 49 -5.36 -8.36 -23.78
N GLY B 50 -4.04 -8.28 -23.62
CA GLY B 50 -3.34 -7.05 -23.92
C GLY B 50 -3.02 -6.21 -22.70
N GLY B 51 -2.87 -4.91 -22.91
CA GLY B 51 -2.56 -4.02 -21.81
C GLY B 51 -1.12 -4.20 -21.34
N ASP B 52 -0.90 -4.02 -20.04
CA ASP B 52 0.42 -4.19 -19.49
C ASP B 52 0.29 -4.76 -18.10
N LEU B 53 1.40 -4.84 -17.37
CA LEU B 53 1.37 -5.35 -16.02
C LEU B 53 1.77 -4.25 -15.05
N SER B 54 1.39 -3.01 -15.37
CA SER B 54 1.68 -1.86 -14.52
C SER B 54 0.97 -2.06 -13.19
N PRO B 55 1.52 -1.51 -12.09
CA PRO B 55 0.95 -1.62 -10.75
C PRO B 55 -0.53 -1.28 -10.65
N ALA B 56 -0.90 -0.13 -11.20
CA ALA B 56 -2.28 0.32 -11.18
C ALA B 56 -3.23 -0.68 -11.86
N ARG B 57 -2.80 -1.21 -13.00
CA ARG B 57 -3.61 -2.16 -13.74
C ARG B 57 -3.84 -3.48 -13.00
N LEU B 58 -2.78 -4.03 -12.41
CA LEU B 58 -2.89 -5.28 -11.69
C LEU B 58 -3.75 -5.09 -10.45
N LEU B 59 -3.53 -3.98 -9.77
CA LEU B 59 -4.27 -3.66 -8.56
C LEU B 59 -5.74 -3.55 -8.89
N MET B 60 -6.05 -3.06 -10.08
CA MET B 60 -7.43 -2.90 -10.53
C MET B 60 -8.07 -4.27 -10.82
N ALA B 61 -7.29 -5.16 -11.43
CA ALA B 61 -7.76 -6.49 -11.77
C ALA B 61 -8.03 -7.32 -10.52
N TYR B 62 -7.09 -7.30 -9.59
CA TYR B 62 -7.23 -8.05 -8.35
C TYR B 62 -8.39 -7.47 -7.55
N GLN B 63 -8.58 -6.17 -7.71
CA GLN B 63 -9.65 -5.46 -7.04
C GLN B 63 -11.01 -5.82 -7.64
N ARG B 64 -10.99 -6.41 -8.84
CA ARG B 64 -12.21 -6.81 -9.52
C ARG B 64 -12.35 -8.32 -9.68
N GLY B 65 -11.46 -9.08 -9.05
CA GLY B 65 -11.50 -10.53 -9.15
C GLY B 65 -10.97 -11.08 -10.46
N ILE B 66 -9.97 -10.40 -11.01
CA ILE B 66 -9.35 -10.83 -12.26
C ILE B 66 -7.86 -11.05 -12.02
N PHE B 67 -7.22 -11.81 -12.90
CA PHE B 67 -5.78 -12.06 -12.77
C PHE B 67 -5.11 -12.39 -14.10
N PRO B 68 -3.83 -12.01 -14.25
CA PRO B 68 -3.11 -12.28 -15.49
C PRO B 68 -2.50 -13.68 -15.43
N TRP B 69 -2.49 -14.35 -16.58
CA TRP B 69 -1.91 -15.68 -16.70
C TRP B 69 -1.78 -15.97 -18.18
N PHE B 70 -0.56 -16.33 -18.60
CA PHE B 70 -0.31 -16.56 -20.01
C PHE B 70 1.05 -17.22 -20.20
N SER B 71 1.20 -17.98 -21.27
CA SER B 71 2.46 -18.65 -21.54
C SER B 71 3.38 -17.70 -22.30
N PRO B 72 4.71 -17.87 -22.12
CA PRO B 72 5.71 -17.03 -22.79
C PRO B 72 5.45 -17.03 -24.30
N GLY B 73 5.57 -15.87 -24.94
CA GLY B 73 5.33 -15.75 -26.36
C GLY B 73 3.93 -15.25 -26.66
N ASP B 74 3.01 -15.43 -25.71
CA ASP B 74 1.63 -15.01 -25.85
C ASP B 74 1.41 -13.63 -25.27
N PRO B 75 0.33 -12.96 -25.69
CA PRO B 75 0.04 -11.64 -25.17
C PRO B 75 -0.48 -11.85 -23.77
N ILE B 76 -0.54 -10.80 -22.96
CA ILE B 76 -1.05 -10.96 -21.62
C ILE B 76 -2.53 -11.39 -21.70
N LEU B 77 -2.88 -12.38 -20.90
CA LEU B 77 -4.25 -12.89 -20.86
C LEU B 77 -4.82 -12.64 -19.46
N TRP B 78 -6.07 -12.17 -19.40
CA TRP B 78 -6.70 -11.91 -18.12
C TRP B 78 -7.90 -12.82 -17.87
N TRP B 79 -7.98 -13.37 -16.66
CA TRP B 79 -9.04 -14.31 -16.36
C TRP B 79 -9.83 -14.07 -15.10
N SER B 80 -11.00 -14.70 -15.09
CA SER B 80 -11.91 -14.69 -13.93
C SER B 80 -12.78 -15.93 -14.13
N PRO B 81 -12.19 -17.12 -13.91
CA PRO B 81 -12.87 -18.41 -14.05
C PRO B 81 -14.11 -18.59 -13.19
N ASP B 82 -14.93 -19.54 -13.58
CA ASP B 82 -16.16 -19.85 -12.87
C ASP B 82 -16.40 -21.36 -13.02
N PRO B 83 -16.40 -22.09 -11.91
CA PRO B 83 -16.18 -21.65 -10.54
C PRO B 83 -14.79 -21.10 -10.29
N ARG B 84 -14.55 -20.72 -9.05
CA ARG B 84 -13.28 -20.16 -8.62
C ARG B 84 -12.74 -21.08 -7.53
N ALA B 85 -11.46 -21.44 -7.63
CA ALA B 85 -10.82 -22.29 -6.63
C ALA B 85 -10.46 -21.38 -5.46
N VAL B 86 -10.74 -21.82 -4.25
CA VAL B 86 -10.48 -20.99 -3.09
C VAL B 86 -10.20 -21.88 -1.88
N LEU B 87 -9.56 -21.32 -0.85
CA LEU B 87 -9.24 -22.11 0.33
C LEU B 87 -9.56 -21.43 1.65
N TRP B 88 -10.35 -22.12 2.46
CA TRP B 88 -10.72 -21.61 3.77
C TRP B 88 -9.57 -21.94 4.72
N PRO B 89 -8.90 -20.90 5.26
CA PRO B 89 -7.78 -21.07 6.18
C PRO B 89 -7.96 -22.21 7.17
N GLU B 90 -9.02 -22.12 7.96
CA GLU B 90 -9.31 -23.12 8.97
C GLU B 90 -9.57 -24.50 8.35
N SER B 91 -9.89 -24.55 7.07
CA SER B 91 -10.15 -25.82 6.40
C SER B 91 -8.88 -26.45 5.84
N LEU B 92 -7.74 -25.82 6.08
CA LEU B 92 -6.49 -26.37 5.57
C LEU B 92 -6.37 -27.80 6.11
N HIS B 93 -6.19 -28.75 5.20
CA HIS B 93 -6.06 -30.14 5.58
C HIS B 93 -4.62 -30.54 5.87
N ILE B 94 -4.37 -31.02 7.09
CA ILE B 94 -3.01 -31.40 7.48
C ILE B 94 -2.94 -32.87 7.90
N SER B 95 -2.32 -33.69 7.05
CA SER B 95 -2.16 -35.11 7.31
C SER B 95 -1.59 -35.32 8.71
N ARG B 96 -1.89 -36.47 9.30
CA ARG B 96 -1.40 -36.80 10.63
C ARG B 96 0.14 -36.92 10.60
N SER B 97 0.68 -37.25 9.44
CA SER B 97 2.13 -37.38 9.25
C SER B 97 2.84 -36.02 9.14
N MET B 98 2.14 -35.04 8.59
CA MET B 98 2.67 -33.68 8.42
C MET B 98 2.72 -32.99 9.79
N LYS B 99 1.73 -33.27 10.64
CA LYS B 99 1.70 -32.67 11.96
C LYS B 99 2.87 -33.19 12.77
N ARG B 100 3.11 -34.50 12.72
CA ARG B 100 4.24 -35.08 13.45
C ARG B 100 5.51 -34.40 12.93
N PHE B 101 5.62 -34.30 11.62
CA PHE B 101 6.75 -33.66 10.98
C PHE B 101 6.88 -32.24 11.51
N HIS B 102 5.79 -31.49 11.47
CA HIS B 102 5.82 -30.10 11.92
C HIS B 102 6.09 -29.93 13.42
N LYS B 103 5.64 -30.89 14.23
CA LYS B 103 5.86 -30.82 15.67
C LYS B 103 7.34 -30.60 15.90
N ARG B 104 8.16 -31.31 15.13
CA ARG B 104 9.61 -31.19 15.23
C ARG B 104 10.11 -30.71 13.87
N SER B 105 9.56 -29.61 13.39
CA SER B 105 9.93 -29.04 12.09
C SER B 105 11.38 -28.60 11.98
N PRO B 106 12.05 -28.99 10.89
CA PRO B 106 13.45 -28.65 10.62
C PRO B 106 13.56 -27.28 9.95
N TYR B 107 12.42 -26.68 9.64
CA TYR B 107 12.41 -25.39 8.97
C TYR B 107 12.02 -24.24 9.89
N ARG B 108 12.21 -23.03 9.37
CA ARG B 108 11.82 -21.81 10.06
C ARG B 108 11.13 -21.00 8.95
N VAL B 109 10.07 -20.30 9.31
CA VAL B 109 9.32 -19.53 8.33
C VAL B 109 9.33 -18.02 8.58
N THR B 110 9.51 -17.26 7.52
CA THR B 110 9.54 -15.80 7.61
C THR B 110 8.58 -15.17 6.63
N MET B 111 8.30 -13.89 6.85
CA MET B 111 7.42 -13.13 5.98
C MET B 111 8.16 -11.95 5.36
N ASN B 112 7.92 -11.74 4.07
CA ASN B 112 8.52 -10.66 3.29
C ASN B 112 10.01 -10.37 3.52
N TYR B 113 10.81 -11.43 3.63
CA TYR B 113 12.27 -11.30 3.83
C TYR B 113 12.98 -11.43 2.51
N ALA B 114 12.41 -12.25 1.62
CA ALA B 114 13.02 -12.47 0.31
C ALA B 114 11.99 -12.65 -0.82
N PHE B 115 11.21 -11.62 -1.09
CA PHE B 115 10.22 -11.75 -2.14
C PHE B 115 10.85 -12.13 -3.47
N GLY B 116 11.94 -11.45 -3.82
CA GLY B 116 12.62 -11.74 -5.07
C GLY B 116 13.00 -13.20 -5.20
N GLN B 117 13.62 -13.74 -4.16
CA GLN B 117 14.05 -15.12 -4.17
C GLN B 117 12.90 -16.11 -4.28
N VAL B 118 11.79 -15.82 -3.62
CA VAL B 118 10.66 -16.74 -3.66
C VAL B 118 10.00 -16.81 -5.03
N ILE B 119 9.68 -15.65 -5.61
CA ILE B 119 9.06 -15.66 -6.92
C ILE B 119 10.04 -16.29 -7.91
N GLU B 120 11.33 -16.21 -7.59
CA GLU B 120 12.35 -16.79 -8.44
C GLU B 120 12.28 -18.30 -8.37
N GLY B 121 12.11 -18.82 -7.16
CA GLY B 121 12.02 -20.26 -6.96
C GLY B 121 10.82 -20.78 -7.72
N CYS B 122 9.71 -20.05 -7.60
CA CYS B 122 8.47 -20.39 -8.27
C CYS B 122 8.59 -20.44 -9.78
N ALA B 123 9.29 -19.45 -10.35
CA ALA B 123 9.45 -19.36 -11.79
C ALA B 123 10.42 -20.36 -12.38
N SER B 124 11.39 -20.79 -11.58
CA SER B 124 12.40 -21.71 -12.07
C SER B 124 12.09 -23.20 -12.05
N ASP B 125 11.18 -23.63 -11.19
CA ASP B 125 10.87 -25.06 -11.11
C ASP B 125 10.69 -25.77 -12.46
N ARG B 126 10.09 -25.07 -13.43
CA ARG B 126 9.86 -25.58 -14.79
C ARG B 126 8.53 -26.29 -15.05
N GLU B 127 7.49 -25.93 -14.29
CA GLU B 127 6.17 -26.54 -14.49
C GLU B 127 5.10 -25.47 -14.59
N GLU B 128 4.35 -25.31 -13.50
CA GLU B 128 3.29 -24.31 -13.43
C GLU B 128 3.90 -22.96 -13.05
N GLY B 129 5.19 -22.82 -13.35
CA GLY B 129 5.90 -21.58 -13.06
C GLY B 129 6.59 -21.07 -14.32
N THR B 130 6.41 -21.80 -15.41
CA THR B 130 7.01 -21.42 -16.68
C THR B 130 6.40 -20.13 -17.18
N TRP B 131 5.14 -19.88 -16.80
CA TRP B 131 4.47 -18.66 -17.25
C TRP B 131 5.08 -17.43 -16.59
N ILE B 132 5.75 -17.62 -15.46
CA ILE B 132 6.37 -16.50 -14.77
C ILE B 132 7.62 -16.10 -15.53
N THR B 133 7.44 -15.25 -16.53
CA THR B 133 8.53 -14.74 -17.35
C THR B 133 9.12 -13.52 -16.64
N ARG B 134 10.31 -13.09 -17.06
CA ARG B 134 10.97 -11.95 -16.44
C ARG B 134 10.02 -10.77 -16.24
N GLY B 135 9.15 -10.54 -17.21
CA GLY B 135 8.21 -9.44 -17.10
C GLY B 135 7.30 -9.61 -15.90
N VAL B 136 6.81 -10.82 -15.71
CA VAL B 136 5.93 -11.16 -14.60
C VAL B 136 6.68 -10.94 -13.28
N VAL B 137 7.92 -11.42 -13.20
CA VAL B 137 8.70 -11.24 -11.99
C VAL B 137 8.84 -9.74 -11.67
N GLU B 138 9.22 -8.95 -12.67
CA GLU B 138 9.38 -7.53 -12.43
C GLU B 138 8.07 -6.91 -11.95
N ALA B 139 6.97 -7.24 -12.64
CA ALA B 139 5.66 -6.70 -12.29
C ALA B 139 5.27 -6.97 -10.84
N TYR B 140 5.38 -8.22 -10.39
CA TYR B 140 4.99 -8.50 -9.02
C TYR B 140 5.99 -8.02 -7.99
N HIS B 141 7.23 -7.82 -8.40
CA HIS B 141 8.21 -7.31 -7.46
C HIS B 141 7.82 -5.86 -7.13
N ARG B 142 7.27 -5.16 -8.12
CA ARG B 142 6.83 -3.79 -7.90
C ARG B 142 5.70 -3.80 -6.89
N LEU B 143 4.82 -4.78 -7.01
CA LEU B 143 3.71 -4.89 -6.11
C LEU B 143 4.23 -5.17 -4.71
N HIS B 144 5.28 -5.98 -4.65
CA HIS B 144 5.84 -6.28 -3.35
C HIS B 144 6.43 -5.00 -2.78
N GLU B 145 7.17 -4.28 -3.62
CA GLU B 145 7.80 -3.04 -3.19
C GLU B 145 6.80 -1.94 -2.84
N LEU B 146 5.60 -2.03 -3.40
CA LEU B 146 4.57 -1.05 -3.10
C LEU B 146 3.71 -1.55 -1.94
N GLY B 147 4.13 -2.67 -1.35
CA GLY B 147 3.43 -3.23 -0.20
C GLY B 147 2.16 -4.05 -0.40
N HIS B 148 1.88 -4.53 -1.62
CA HIS B 148 0.69 -5.32 -1.85
C HIS B 148 0.93 -6.81 -2.08
N ALA B 149 2.09 -7.14 -2.64
CA ALA B 149 2.43 -8.53 -2.91
C ALA B 149 3.36 -8.94 -1.78
N HIS B 150 3.09 -10.12 -1.19
CA HIS B 150 3.89 -10.60 -0.07
C HIS B 150 4.36 -12.02 -0.30
N SER B 151 5.40 -12.42 0.42
CA SER B 151 5.94 -13.77 0.28
C SER B 151 6.21 -14.39 1.64
N ILE B 152 6.00 -15.71 1.72
CA ILE B 152 6.28 -16.46 2.94
C ILE B 152 7.49 -17.31 2.57
N GLU B 153 8.55 -17.22 3.36
CA GLU B 153 9.76 -17.99 3.07
C GLU B 153 10.03 -19.14 4.04
N VAL B 154 10.50 -20.26 3.52
CA VAL B 154 10.81 -21.41 4.34
C VAL B 154 12.32 -21.65 4.32
N TRP B 155 12.94 -21.66 5.49
CA TRP B 155 14.39 -21.85 5.54
C TRP B 155 14.87 -23.12 6.21
N ARG B 156 15.83 -23.77 5.58
CA ARG B 156 16.44 -24.94 6.17
C ARG B 156 17.86 -24.45 6.41
N GLU B 157 18.19 -24.24 7.68
CA GLU B 157 19.51 -23.73 8.06
C GLU B 157 19.57 -22.32 7.47
N ASP B 158 20.42 -22.12 6.47
CA ASP B 158 20.55 -20.81 5.86
C ASP B 158 19.99 -20.68 4.46
N GLU B 159 19.66 -21.80 3.82
CA GLU B 159 19.13 -21.71 2.48
C GLU B 159 17.61 -21.74 2.36
N LEU B 160 17.10 -20.99 1.38
CA LEU B 160 15.68 -20.92 1.10
C LEU B 160 15.35 -22.24 0.42
N VAL B 161 14.51 -23.06 1.04
CA VAL B 161 14.17 -24.34 0.44
C VAL B 161 12.73 -24.34 -0.02
N GLY B 162 12.00 -23.28 0.29
CA GLY B 162 10.62 -23.20 -0.14
C GLY B 162 9.94 -21.88 0.19
N GLY B 163 8.70 -21.73 -0.27
CA GLY B 163 7.96 -20.52 -0.02
C GLY B 163 6.79 -20.34 -0.94
N MET B 164 6.15 -19.17 -0.85
CA MET B 164 5.01 -18.82 -1.67
C MET B 164 4.78 -17.32 -1.60
N TYR B 165 4.04 -16.80 -2.56
CA TYR B 165 3.74 -15.38 -2.60
C TYR B 165 2.36 -15.15 -3.19
N GLY B 166 1.85 -13.94 -3.00
CA GLY B 166 0.55 -13.62 -3.55
C GLY B 166 0.23 -12.16 -3.33
N VAL B 167 -0.99 -11.76 -3.65
CA VAL B 167 -1.38 -10.38 -3.47
C VAL B 167 -2.45 -10.29 -2.37
N ALA B 168 -2.17 -9.50 -1.34
CA ALA B 168 -3.10 -9.32 -0.23
C ALA B 168 -4.21 -8.41 -0.70
N GLN B 169 -5.42 -8.67 -0.23
CA GLN B 169 -6.57 -7.90 -0.63
C GLN B 169 -7.47 -7.68 0.59
N GLY B 170 -6.95 -7.02 1.61
CA GLY B 170 -7.75 -6.80 2.80
C GLY B 170 -7.59 -8.06 3.61
N THR B 171 -8.70 -8.71 3.96
CA THR B 171 -8.66 -9.94 4.75
C THR B 171 -8.63 -11.15 3.83
N LEU B 172 -8.59 -10.89 2.53
CA LEU B 172 -8.52 -11.95 1.52
C LEU B 172 -7.09 -12.00 0.97
N PHE B 173 -6.56 -13.19 0.75
CA PHE B 173 -5.21 -13.31 0.19
C PHE B 173 -5.23 -14.11 -1.10
N CYS B 174 -4.72 -13.51 -2.17
CA CYS B 174 -4.67 -14.16 -3.48
C CYS B 174 -3.35 -14.86 -3.70
N GLY B 175 -3.38 -16.19 -3.71
CA GLY B 175 -2.19 -16.98 -3.91
C GLY B 175 -1.78 -17.03 -5.36
N GLU B 176 -0.54 -16.66 -5.62
CA GLU B 176 -0.04 -16.67 -6.98
C GLU B 176 0.65 -17.97 -7.33
N SER B 177 1.66 -18.33 -6.55
CA SER B 177 2.42 -19.54 -6.80
C SER B 177 3.23 -19.95 -5.57
N MET B 178 3.59 -21.21 -5.50
CA MET B 178 4.43 -21.69 -4.39
C MET B 178 5.48 -22.62 -4.97
N PHE B 179 6.50 -22.95 -4.18
CA PHE B 179 7.54 -23.82 -4.69
C PHE B 179 8.24 -24.54 -3.55
N SER B 180 8.78 -25.72 -3.85
CA SER B 180 9.45 -26.50 -2.82
C SER B 180 10.71 -27.18 -3.34
N ARG B 181 11.76 -27.14 -2.53
CA ARG B 181 13.03 -27.78 -2.91
C ARG B 181 13.46 -28.80 -1.86
N MET B 182 12.64 -28.96 -0.82
CA MET B 182 12.89 -29.94 0.24
C MET B 182 11.54 -30.46 0.69
N GLU B 183 11.42 -31.77 0.88
CA GLU B 183 10.14 -32.37 1.28
C GLU B 183 9.40 -31.56 2.36
N ASN B 184 8.11 -31.35 2.11
CA ASN B 184 7.22 -30.63 3.04
C ASN B 184 7.48 -29.15 3.29
N ALA B 185 8.33 -28.52 2.49
CA ALA B 185 8.60 -27.09 2.67
C ALA B 185 7.34 -26.28 2.33
N SER B 186 6.68 -26.63 1.22
CA SER B 186 5.47 -25.94 0.80
C SER B 186 4.42 -25.94 1.91
N LYS B 187 4.02 -27.14 2.32
CA LYS B 187 3.01 -27.31 3.35
C LYS B 187 3.32 -26.50 4.60
N THR B 188 4.59 -26.48 4.99
CA THR B 188 5.00 -25.71 6.16
C THR B 188 4.60 -24.25 5.95
N ALA B 189 5.09 -23.65 4.87
CA ALA B 189 4.77 -22.27 4.58
C ALA B 189 3.25 -22.05 4.66
N LEU B 190 2.51 -22.91 3.98
CA LEU B 190 1.05 -22.85 3.94
C LEU B 190 0.44 -23.06 5.33
N LEU B 191 1.01 -24.01 6.07
CA LEU B 191 0.53 -24.31 7.40
C LEU B 191 0.70 -23.11 8.34
N VAL B 192 1.94 -22.65 8.48
CA VAL B 192 2.22 -21.52 9.35
C VAL B 192 1.51 -20.27 8.88
N PHE B 193 1.50 -20.02 7.58
CA PHE B 193 0.82 -18.85 7.07
C PHE B 193 -0.62 -18.88 7.57
N CYS B 194 -1.33 -19.96 7.25
CA CYS B 194 -2.71 -20.12 7.66
C CYS B 194 -2.92 -19.89 9.16
N GLU B 195 -2.05 -20.45 10.00
CA GLU B 195 -2.18 -20.24 11.43
C GLU B 195 -2.13 -18.75 11.71
N GLU B 196 -1.09 -18.09 11.20
CA GLU B 196 -0.91 -16.65 11.36
C GLU B 196 -2.08 -15.87 10.80
N PHE B 197 -2.47 -16.20 9.57
CA PHE B 197 -3.57 -15.56 8.88
C PHE B 197 -4.90 -15.55 9.69
N ILE B 198 -5.41 -16.71 10.06
CA ILE B 198 -6.68 -16.74 10.83
C ILE B 198 -6.53 -16.14 12.21
N GLY B 199 -5.35 -16.31 12.79
CA GLY B 199 -5.11 -15.77 14.11
C GLY B 199 -5.29 -14.27 14.17
N HIS B 200 -5.09 -13.61 13.03
CA HIS B 200 -5.20 -12.15 12.97
C HIS B 200 -6.31 -11.56 12.12
N GLY B 201 -7.33 -12.35 11.81
CA GLY B 201 -8.44 -11.82 11.03
C GLY B 201 -8.54 -12.26 9.59
N GLY B 202 -7.49 -12.89 9.07
CA GLY B 202 -7.53 -13.35 7.69
C GLY B 202 -8.80 -14.17 7.53
N LYS B 203 -9.51 -13.97 6.42
CA LYS B 203 -10.74 -14.72 6.23
C LYS B 203 -10.76 -15.72 5.08
N LEU B 204 -10.08 -15.41 3.98
CA LEU B 204 -10.09 -16.31 2.83
C LEU B 204 -8.81 -16.27 2.03
N ILE B 205 -8.60 -17.31 1.22
CA ILE B 205 -7.44 -17.42 0.35
C ILE B 205 -7.88 -17.81 -1.07
N ASP B 206 -7.48 -17.00 -2.04
CA ASP B 206 -7.83 -17.28 -3.42
C ASP B 206 -6.81 -18.21 -4.04
N CYS B 207 -7.27 -19.33 -4.60
CA CYS B 207 -6.37 -20.28 -5.22
C CYS B 207 -6.53 -20.26 -6.74
N GLN B 208 -7.30 -19.30 -7.22
CA GLN B 208 -7.53 -19.13 -8.66
C GLN B 208 -8.08 -20.40 -9.29
N VAL B 209 -7.21 -21.23 -9.82
CA VAL B 209 -7.66 -22.46 -10.45
C VAL B 209 -7.28 -23.71 -9.66
N LEU B 210 -8.25 -24.58 -9.47
CA LEU B 210 -8.08 -25.81 -8.71
C LEU B 210 -7.31 -26.91 -9.44
N ASN B 211 -6.33 -27.49 -8.74
CA ASN B 211 -5.53 -28.59 -9.27
C ASN B 211 -5.44 -29.66 -8.18
N ASP B 212 -4.66 -30.71 -8.42
CA ASP B 212 -4.54 -31.80 -7.44
C ASP B 212 -3.82 -31.44 -6.14
N HIS B 213 -2.61 -30.87 -6.27
CA HIS B 213 -1.84 -30.49 -5.09
C HIS B 213 -2.72 -29.60 -4.19
N THR B 214 -3.25 -28.55 -4.81
CA THR B 214 -4.09 -27.58 -4.13
C THR B 214 -5.36 -28.22 -3.55
N ALA B 215 -6.00 -29.12 -4.30
CA ALA B 215 -7.22 -29.79 -3.82
C ALA B 215 -6.95 -30.65 -2.58
N SER B 216 -5.78 -31.29 -2.55
CA SER B 216 -5.39 -32.15 -1.43
C SER B 216 -5.07 -31.37 -0.16
N LEU B 217 -4.95 -30.06 -0.29
CA LEU B 217 -4.65 -29.24 0.86
C LEU B 217 -5.90 -28.57 1.40
N GLY B 218 -7.03 -28.80 0.73
CA GLY B 218 -8.28 -28.23 1.20
C GLY B 218 -8.96 -27.23 0.28
N ALA B 219 -8.31 -26.91 -0.83
CA ALA B 219 -8.90 -25.95 -1.76
C ALA B 219 -10.20 -26.55 -2.27
N CYS B 220 -11.15 -25.69 -2.62
CA CYS B 220 -12.44 -26.11 -3.15
C CYS B 220 -12.94 -25.03 -4.09
N GLU B 221 -13.94 -25.36 -4.89
CA GLU B 221 -14.48 -24.38 -5.82
C GLU B 221 -15.80 -23.82 -5.31
N ILE B 222 -16.06 -22.57 -5.67
CA ILE B 222 -17.29 -21.88 -5.32
C ILE B 222 -17.62 -21.08 -6.56
N PRO B 223 -18.91 -20.81 -6.80
CA PRO B 223 -19.28 -20.03 -7.99
C PRO B 223 -18.53 -18.70 -8.05
N ARG B 224 -18.20 -18.26 -9.27
CA ARG B 224 -17.50 -16.99 -9.45
C ARG B 224 -18.26 -15.84 -8.81
N ARG B 225 -19.58 -15.82 -8.99
CA ARG B 225 -20.42 -14.77 -8.44
C ARG B 225 -20.30 -14.71 -6.93
N ASP B 226 -19.96 -15.83 -6.31
CA ASP B 226 -19.82 -15.84 -4.87
C ASP B 226 -18.44 -15.37 -4.49
N TYR B 227 -17.44 -15.71 -5.29
CA TYR B 227 -16.08 -15.27 -4.98
C TYR B 227 -16.01 -13.75 -5.11
N LEU B 228 -16.73 -13.20 -6.08
CA LEU B 228 -16.73 -11.76 -6.27
C LEU B 228 -17.36 -11.11 -5.04
N ASN B 229 -18.45 -11.71 -4.56
CA ASN B 229 -19.15 -11.23 -3.38
C ASN B 229 -18.22 -11.18 -2.19
N TYR B 230 -17.50 -12.27 -1.98
CA TYR B 230 -16.56 -12.37 -0.87
C TYR B 230 -15.45 -11.32 -1.07
N LEU B 231 -15.03 -11.16 -2.32
CA LEU B 231 -13.96 -10.24 -2.67
C LEU B 231 -14.21 -8.80 -2.23
N ASN B 232 -15.27 -8.19 -2.74
CA ASN B 232 -15.57 -6.80 -2.37
C ASN B 232 -15.93 -6.65 -0.89
N GLN B 233 -16.07 -7.77 -0.20
CA GLN B 233 -16.41 -7.72 1.21
C GLN B 233 -15.14 -7.73 2.06
N MET B 234 -14.14 -8.48 1.62
CA MET B 234 -12.90 -8.57 2.38
C MET B 234 -11.81 -7.59 1.95
N ARG B 235 -11.93 -7.06 0.74
CA ARG B 235 -10.92 -6.11 0.24
C ARG B 235 -10.86 -4.84 1.07
N LEU B 236 -11.98 -4.44 1.64
CA LEU B 236 -12.00 -3.23 2.46
C LEU B 236 -11.82 -3.55 3.93
N GLY B 237 -11.55 -4.83 4.23
CA GLY B 237 -11.31 -5.25 5.60
C GLY B 237 -9.86 -4.98 5.92
N ARG B 238 -9.37 -5.49 7.05
CA ARG B 238 -7.98 -5.24 7.43
C ARG B 238 -7.44 -6.11 8.56
N LEU B 239 -6.12 -6.27 8.54
CA LEU B 239 -5.40 -7.04 9.54
C LEU B 239 -4.59 -6.04 10.34
N PRO B 240 -3.83 -6.48 11.35
CA PRO B 240 -3.04 -5.51 12.11
C PRO B 240 -2.16 -4.65 11.19
N ASN B 241 -1.90 -3.41 11.60
CA ASN B 241 -1.09 -2.49 10.81
C ASN B 241 0.33 -2.98 10.55
N ASN B 242 0.74 -4.01 11.27
CA ASN B 242 2.07 -4.55 11.10
C ASN B 242 2.05 -6.01 10.67
N PHE B 243 0.87 -6.51 10.31
CA PHE B 243 0.78 -7.90 9.87
C PHE B 243 1.77 -8.28 8.77
N TRP B 244 2.00 -7.39 7.81
CA TRP B 244 2.91 -7.68 6.71
C TRP B 244 4.33 -7.14 6.87
N VAL B 245 4.64 -6.62 8.04
CA VAL B 245 5.99 -6.12 8.26
C VAL B 245 6.89 -7.35 8.16
N PRO B 246 8.05 -7.23 7.48
CA PRO B 246 8.93 -8.39 7.37
C PRO B 246 9.29 -8.93 8.75
N ARG B 247 9.16 -10.25 8.94
CA ARG B 247 9.47 -10.85 10.22
C ARG B 247 9.57 -12.37 10.22
N CYS B 248 9.71 -12.94 11.40
CA CYS B 248 9.80 -14.37 11.57
C CYS B 248 8.42 -14.87 12.01
N LEU B 249 7.92 -15.91 11.34
CA LEU B 249 6.61 -16.45 11.67
C LEU B 249 6.69 -17.72 12.54
N PHE B 250 7.58 -18.62 12.18
CA PHE B 250 7.73 -19.85 12.94
C PHE B 250 9.19 -20.15 13.17
N SER B 251 9.53 -20.47 14.42
CA SER B 251 10.89 -20.77 14.80
C SER B 251 10.92 -21.41 16.17
N PRO B 252 11.51 -22.62 16.29
CA PRO B 252 11.63 -23.36 17.55
C PRO B 252 12.53 -22.66 18.59
#